data_3KWK
#
_entry.id   3KWK
#
_cell.length_a   42.215
_cell.length_b   42.215
_cell.length_c   186.713
_cell.angle_alpha   90.000
_cell.angle_beta   90.000
_cell.angle_gamma   90.000
#
_symmetry.space_group_name_H-M   'P 43 21 2'
#
loop_
_entity.id
_entity.type
_entity.pdbx_description
1 polymer 'Putative NADH dehydrogenase/NAD(P)H nitroreductase'
2 non-polymer 'FLAVIN MONONUCLEOTIDE'
3 non-polymer 'UNKNOWN LIGAND'
4 non-polymer 'CHLORIDE ION'
5 water water
#
_entity_poly.entity_id   1
_entity_poly.type   'polypeptide(L)'
_entity_poly.pdbx_seq_one_letter_code
;GEKGTTGTGNAALDNIFERKSVRTYLNKGVEKEKIDL(MSE)LRAG(MSE)SAPSGKDVRPWEFVVVSDRAKLDS(MSE)
AAALPYAK(MSE)LTQARNAIIVCGDSARSFYWYLDCSAAAQNILLAAES(MSE)GLGAVWTAAYPYEDR(MSE)EVVRK
YTHLPENILPLCVIPFGYPATKEQPKQKYDEKKIHYNQY
;
_entity_poly.pdbx_strand_id   A
#
loop_
_chem_comp.id
_chem_comp.type
_chem_comp.name
_chem_comp.formula
CL non-polymer 'CHLORIDE ION' 'Cl -1'
FMN non-polymer 'FLAVIN MONONUCLEOTIDE' 'C17 H21 N4 O9 P'
UNL non-polymer 'UNKNOWN LIGAND' ?
#
# COMPACT_ATOMS: atom_id res chain seq x y z
N THR A 8 0.00 -26.36 -12.41
CA THR A 8 -0.10 -25.17 -13.31
C THR A 8 0.24 -23.83 -12.60
N GLY A 9 1.07 -23.91 -11.56
CA GLY A 9 1.67 -22.71 -10.94
C GLY A 9 2.59 -21.90 -11.87
N ASN A 10 2.95 -20.67 -11.44
CA ASN A 10 3.83 -19.75 -12.20
C ASN A 10 4.41 -18.62 -11.29
N ALA A 11 5.28 -17.78 -11.79
CA ALA A 11 5.96 -16.77 -10.94
C ALA A 11 5.00 -15.72 -10.40
N ALA A 12 3.96 -15.37 -11.15
CA ALA A 12 2.98 -14.40 -10.64
C ALA A 12 2.25 -14.95 -9.39
N LEU A 13 1.79 -16.19 -9.49
CA LEU A 13 1.16 -16.84 -8.35
C LEU A 13 2.15 -16.98 -7.21
N ASP A 14 3.40 -17.35 -7.48
CA ASP A 14 4.40 -17.46 -6.39
C ASP A 14 4.51 -16.16 -5.64
N ASN A 15 4.53 -15.05 -6.37
CA ASN A 15 4.69 -13.71 -5.74
C ASN A 15 3.45 -13.37 -4.88
N ILE A 16 2.26 -13.69 -5.40
CA ILE A 16 1.05 -13.50 -4.63
C ILE A 16 1.09 -14.31 -3.32
N PHE A 17 1.58 -15.54 -3.41
CA PHE A 17 1.66 -16.41 -2.22
C PHE A 17 2.77 -16.01 -1.24
N GLU A 18 3.81 -15.35 -1.74
N GLU A 18 3.82 -15.38 -1.75
CA GLU A 18 4.99 -15.00 -0.97
CA GLU A 18 4.96 -15.05 -0.93
C GLU A 18 4.84 -13.68 -0.24
C GLU A 18 4.94 -13.64 -0.32
N ARG A 19 3.99 -12.80 -0.77
CA ARG A 19 3.85 -11.48 -0.20
C ARG A 19 3.47 -11.57 1.29
N LYS A 20 4.10 -10.71 2.09
CA LYS A 20 3.70 -10.54 3.49
C LYS A 20 3.94 -9.13 3.94
N SER A 21 3.31 -8.77 5.06
CA SER A 21 3.48 -7.44 5.63
C SER A 21 4.86 -7.38 6.30
N VAL A 22 5.69 -6.42 5.91
CA VAL A 22 7.01 -6.24 6.53
C VAL A 22 7.02 -4.85 7.22
N ARG A 23 7.35 -4.85 8.51
CA ARG A 23 7.27 -3.70 9.37
C ARG A 23 8.58 -3.23 10.00
N THR A 24 9.67 -3.83 9.56
CA THR A 24 11.01 -3.39 9.93
C THR A 24 11.91 -3.46 8.71
N TYR A 25 12.80 -2.47 8.59
CA TYR A 25 13.59 -2.24 7.39
C TYR A 25 15.05 -1.98 7.73
N LEU A 26 15.92 -2.43 6.84
CA LEU A 26 17.31 -2.05 6.94
C LEU A 26 17.45 -0.56 6.69
N ASN A 27 18.53 0.00 7.24
CA ASN A 27 18.82 1.40 7.07
C ASN A 27 19.59 1.58 5.76
N LYS A 28 18.86 1.52 4.66
CA LYS A 28 19.45 1.65 3.34
C LYS A 28 18.42 2.06 2.35
N GLY A 29 18.83 2.84 1.35
CA GLY A 29 17.89 3.34 0.44
C GLY A 29 17.36 2.31 -0.53
N VAL A 30 16.35 2.74 -1.24
CA VAL A 30 15.69 1.95 -2.26
C VAL A 30 15.94 2.64 -3.61
N GLU A 31 16.36 1.84 -4.59
CA GLU A 31 16.62 2.27 -5.94
C GLU A 31 15.41 3.01 -6.55
N LYS A 32 15.70 4.13 -7.20
CA LYS A 32 14.65 4.93 -7.85
C LYS A 32 13.82 4.10 -8.82
N GLU A 33 14.46 3.22 -9.56
CA GLU A 33 13.80 2.40 -10.59
C GLU A 33 12.73 1.49 -9.92
N LYS A 34 13.04 0.98 -8.73
CA LYS A 34 12.07 0.15 -8.00
C LYS A 34 10.84 0.95 -7.57
N ILE A 35 11.07 2.16 -7.04
CA ILE A 35 9.96 3.01 -6.65
C ILE A 35 9.07 3.33 -7.86
N ASP A 36 9.72 3.66 -8.98
CA ASP A 36 8.97 3.96 -10.23
C ASP A 36 8.09 2.80 -10.68
N LEU A 37 8.64 1.59 -10.59
CA LEU A 37 7.90 0.38 -10.96
C LEU A 37 6.75 0.08 -10.00
N MSE A 38 6.94 0.33 -8.72
CA MSE A 38 5.83 0.18 -7.74
C MSE A 38 4.68 1.12 -8.14
O MSE A 38 3.52 0.72 -8.08
CB MSE A 38 6.33 0.48 -6.32
CG MSE A 38 7.20 -0.58 -5.81
SE MSE A 38 8.11 -0.04 -4.11
CE MSE A 38 6.57 -0.03 -3.19
N LEU A 39 4.96 2.37 -8.46
CA LEU A 39 3.93 3.33 -8.87
C LEU A 39 3.24 2.89 -10.16
N ARG A 40 4.01 2.44 -11.14
N ARG A 40 4.02 2.44 -11.16
CA ARG A 40 3.44 1.93 -12.38
CA ARG A 40 3.45 1.90 -12.40
C ARG A 40 2.54 0.74 -12.11
C ARG A 40 2.52 0.75 -12.08
N ALA A 41 2.94 -0.12 -11.16
CA ALA A 41 2.13 -1.23 -10.77
C ALA A 41 0.76 -0.75 -10.17
N GLY A 42 0.85 0.20 -9.25
CA GLY A 42 -0.36 0.79 -8.67
C GLY A 42 -1.32 1.32 -9.72
N MSE A 43 -0.80 2.02 -10.72
N MSE A 43 -0.80 2.05 -10.69
CA MSE A 43 -1.66 2.60 -11.77
CA MSE A 43 -1.64 2.64 -11.75
C MSE A 43 -2.16 1.60 -12.79
C MSE A 43 -2.25 1.60 -12.70
O MSE A 43 -2.91 1.97 -13.69
O MSE A 43 -3.20 1.92 -13.42
CB MSE A 43 -0.91 3.70 -12.44
CB MSE A 43 -0.87 3.72 -12.50
CG MSE A 43 -0.79 4.85 -11.49
CG MSE A 43 -0.79 5.01 -11.67
SE MSE A 43 -0.41 6.50 -12.28
SE MSE A 43 0.24 6.48 -12.36
CE MSE A 43 1.51 6.60 -11.69
CE MSE A 43 1.76 5.46 -12.86
N SER A 44 -1.77 0.34 -12.65
CA SER A 44 -2.28 -0.74 -13.55
C SER A 44 -3.50 -1.43 -12.98
N ALA A 45 -3.93 -1.02 -11.79
CA ALA A 45 -5.16 -1.57 -11.20
C ALA A 45 -6.41 -1.43 -12.09
N PRO A 46 -7.40 -2.32 -11.85
CA PRO A 46 -8.69 -2.11 -12.48
C PRO A 46 -9.33 -0.87 -11.82
N SER A 47 -10.39 -0.32 -12.44
CA SER A 47 -11.00 0.93 -11.97
C SER A 47 -12.44 1.02 -12.37
N GLY A 48 -13.35 1.24 -11.40
CA GLY A 48 -14.75 1.43 -11.73
C GLY A 48 -14.97 2.51 -12.78
N LYS A 49 -15.63 2.15 -13.87
N LYS A 49 -15.65 2.18 -13.88
CA LYS A 49 -15.88 3.00 -15.04
CA LYS A 49 -15.87 3.10 -15.00
C LYS A 49 -14.61 3.58 -15.64
C LYS A 49 -14.58 3.64 -15.60
N ASP A 50 -13.49 2.96 -15.34
CA ASP A 50 -12.17 3.39 -15.80
C ASP A 50 -11.87 4.86 -15.51
N VAL A 51 -12.29 5.31 -14.33
CA VAL A 51 -12.03 6.66 -13.92
C VAL A 51 -10.55 6.89 -13.57
N ARG A 52 -9.91 5.89 -12.97
CA ARG A 52 -8.52 6.03 -12.58
C ARG A 52 -8.35 7.14 -11.55
N PRO A 53 -9.07 7.02 -10.43
CA PRO A 53 -9.12 8.11 -9.46
C PRO A 53 -7.95 8.20 -8.49
N TRP A 54 -6.99 7.30 -8.63
CA TRP A 54 -5.84 7.27 -7.72
C TRP A 54 -4.90 8.45 -7.86
N GLU A 55 -4.32 8.83 -6.74
CA GLU A 55 -3.26 9.81 -6.60
C GLU A 55 -2.25 9.25 -5.61
N PHE A 56 -0.96 9.31 -5.93
CA PHE A 56 0.05 8.75 -5.04
C PHE A 56 0.98 9.84 -4.55
N VAL A 57 1.21 9.88 -3.24
CA VAL A 57 2.20 10.82 -2.67
C VAL A 57 3.37 9.95 -2.22
N VAL A 58 4.53 10.20 -2.82
CA VAL A 58 5.76 9.53 -2.45
C VAL A 58 6.44 10.41 -1.42
N VAL A 59 6.57 9.91 -0.19
CA VAL A 59 7.10 10.72 0.90
C VAL A 59 8.52 10.22 1.23
N SER A 60 9.49 11.12 1.08
N SER A 60 9.52 11.10 1.03
CA SER A 60 10.89 10.83 1.39
CA SER A 60 10.92 10.82 1.43
C SER A 60 11.47 11.81 2.41
C SER A 60 11.39 11.71 2.59
N ASP A 61 10.67 12.81 2.81
CA ASP A 61 11.07 13.78 3.81
C ASP A 61 11.03 13.16 5.23
N ARG A 62 12.21 13.07 5.84
CA ARG A 62 12.42 12.47 7.15
C ARG A 62 11.50 13.05 8.17
N ALA A 63 11.40 14.38 8.20
CA ALA A 63 10.52 15.02 9.18
C ALA A 63 9.04 14.69 9.01
N LYS A 64 8.55 14.63 7.76
CA LYS A 64 7.15 14.31 7.54
C LYS A 64 6.89 12.85 7.96
N LEU A 65 7.80 11.99 7.57
CA LEU A 65 7.69 10.56 7.89
C LEU A 65 7.60 10.36 9.41
N ASP A 66 8.49 11.04 10.12
CA ASP A 66 8.54 10.91 11.60
C ASP A 66 7.32 11.56 12.30
N SER A 67 6.85 12.66 11.74
CA SER A 67 5.69 13.37 12.27
C SER A 67 4.43 12.51 12.09
N MSE A 68 4.30 11.90 10.91
CA MSE A 68 3.22 10.94 10.70
C MSE A 68 3.30 9.73 11.59
O MSE A 68 2.27 9.24 12.07
CB MSE A 68 3.11 10.56 9.20
CG MSE A 68 2.60 11.73 8.36
SE MSE A 68 2.26 11.14 6.50
CE MSE A 68 4.03 10.98 6.06
N ALA A 69 4.51 9.20 11.78
CA ALA A 69 4.72 8.06 12.66
C ALA A 69 4.18 8.40 14.04
N ALA A 70 4.46 9.59 14.53
CA ALA A 70 4.07 9.95 15.90
C ALA A 70 2.54 10.00 16.04
N ALA A 71 1.89 10.45 14.98
CA ALA A 71 0.47 10.74 15.01
C ALA A 71 -0.40 9.54 14.58
N LEU A 72 0.15 8.56 13.88
CA LEU A 72 -0.62 7.41 13.41
C LEU A 72 -0.38 6.20 14.35
N PRO A 73 -1.48 5.56 14.78
CA PRO A 73 -1.34 4.58 15.87
C PRO A 73 -0.65 3.27 15.47
N TYR A 74 -0.77 2.87 14.21
CA TYR A 74 -0.21 1.60 13.75
C TYR A 74 0.67 1.80 12.50
N ALA A 75 1.36 2.95 12.45
CA ALA A 75 2.37 3.22 11.42
C ALA A 75 3.68 3.68 12.06
N LYS A 76 3.99 3.11 13.22
CA LYS A 76 5.21 3.54 13.97
C LYS A 76 6.49 3.19 13.23
N MSE A 77 6.41 2.19 12.35
CA MSE A 77 7.56 1.81 11.55
C MSE A 77 7.97 2.83 10.51
O MSE A 77 9.02 2.73 9.86
CB MSE A 77 7.33 0.44 10.88
CG MSE A 77 6.44 0.37 9.63
SE MSE A 77 4.57 0.83 9.96
CE MSE A 77 4.00 -0.82 10.77
N LEU A 78 7.15 3.86 10.28
CA LEU A 78 7.60 4.99 9.47
C LEU A 78 8.94 5.60 9.94
N THR A 79 9.28 5.53 11.22
CA THR A 79 10.51 6.11 11.71
C THR A 79 11.72 5.32 11.21
N GLN A 80 11.50 4.08 10.76
CA GLN A 80 12.65 3.32 10.23
C GLN A 80 12.59 3.11 8.73
N ALA A 81 11.58 3.68 8.08
CA ALA A 81 11.44 3.65 6.65
C ALA A 81 12.10 4.89 6.05
N ARG A 82 12.79 4.74 4.92
CA ARG A 82 13.31 5.89 4.16
C ARG A 82 12.23 6.57 3.33
N ASN A 83 11.19 5.81 2.96
CA ASN A 83 10.14 6.29 2.10
C ASN A 83 8.80 5.59 2.38
N ALA A 84 7.72 6.24 1.96
CA ALA A 84 6.37 5.65 2.01
C ALA A 84 5.61 6.13 0.79
N ILE A 85 4.72 5.29 0.29
CA ILE A 85 3.76 5.73 -0.73
C ILE A 85 2.41 5.86 -0.07
N ILE A 86 1.80 7.03 -0.20
CA ILE A 86 0.46 7.28 0.30
C ILE A 86 -0.51 7.11 -0.86
N VAL A 87 -1.37 6.10 -0.77
CA VAL A 87 -2.35 5.83 -1.83
C VAL A 87 -3.62 6.59 -1.52
N CYS A 88 -4.01 7.49 -2.40
CA CYS A 88 -5.17 8.33 -2.22
C CYS A 88 -6.11 8.18 -3.37
N GLY A 89 -7.35 8.60 -3.16
CA GLY A 89 -8.38 8.57 -4.21
C GLY A 89 -9.05 9.91 -4.39
N ASP A 90 -9.30 10.31 -5.64
CA ASP A 90 -10.06 11.54 -5.88
C ASP A 90 -11.55 11.24 -5.78
N SER A 91 -12.11 11.47 -4.60
CA SER A 91 -13.50 11.16 -4.30
C SER A 91 -14.46 12.05 -5.12
N ALA A 92 -13.96 13.15 -5.71
CA ALA A 92 -14.80 13.99 -6.56
C ALA A 92 -15.11 13.31 -7.90
N ARG A 93 -14.20 12.42 -8.28
N ARG A 93 -14.24 12.42 -8.35
CA ARG A 93 -14.20 11.73 -9.58
CA ARG A 93 -14.44 11.76 -9.64
C ARG A 93 -14.83 10.35 -9.54
C ARG A 93 -14.96 10.34 -9.54
N SER A 94 -14.85 9.70 -8.37
CA SER A 94 -15.35 8.34 -8.26
C SER A 94 -15.78 7.93 -6.87
N PHE A 95 -16.97 7.40 -6.76
CA PHE A 95 -17.41 6.78 -5.48
C PHE A 95 -16.89 5.33 -5.34
N TYR A 96 -16.14 4.85 -6.33
CA TYR A 96 -15.45 3.58 -6.17
C TYR A 96 -14.03 3.78 -5.68
N TRP A 97 -13.63 5.01 -5.32
CA TRP A 97 -12.22 5.33 -5.14
C TRP A 97 -11.54 4.36 -4.21
N TYR A 98 -12.18 4.02 -3.09
CA TYR A 98 -11.52 3.20 -2.04
C TYR A 98 -11.40 1.73 -2.48
N LEU A 99 -12.19 1.31 -3.43
CA LEU A 99 -12.09 -0.04 -4.03
C LEU A 99 -10.95 -0.05 -5.04
N ASP A 100 -11.00 0.83 -6.05
CA ASP A 100 -9.93 1.01 -6.99
C ASP A 100 -8.59 1.14 -6.27
N CYS A 101 -8.55 2.02 -5.26
CA CYS A 101 -7.28 2.30 -4.58
C CYS A 101 -6.81 1.10 -3.76
N SER A 102 -7.73 0.26 -3.28
CA SER A 102 -7.32 -0.99 -2.60
C SER A 102 -6.67 -1.95 -3.61
N ALA A 103 -7.22 -2.03 -4.82
CA ALA A 103 -6.59 -2.85 -5.86
C ALA A 103 -5.18 -2.26 -6.23
N ALA A 104 -5.09 -0.93 -6.29
CA ALA A 104 -3.82 -0.24 -6.58
C ALA A 104 -2.82 -0.55 -5.46
N ALA A 105 -3.29 -0.46 -4.22
CA ALA A 105 -2.40 -0.72 -3.11
C ALA A 105 -1.90 -2.15 -3.14
N GLN A 106 -2.75 -3.10 -3.50
CA GLN A 106 -2.34 -4.50 -3.52
C GLN A 106 -1.31 -4.69 -4.63
N ASN A 107 -1.48 -4.06 -5.79
CA ASN A 107 -0.42 -4.09 -6.83
C ASN A 107 0.91 -3.54 -6.31
N ILE A 108 0.87 -2.47 -5.54
CA ILE A 108 2.10 -1.89 -4.98
C ILE A 108 2.76 -2.89 -4.05
N LEU A 109 1.96 -3.52 -3.18
CA LEU A 109 2.54 -4.53 -2.26
C LEU A 109 3.16 -5.71 -3.00
N LEU A 110 2.49 -6.15 -4.06
CA LEU A 110 2.98 -7.27 -4.87
C LEU A 110 4.25 -6.87 -5.60
N ALA A 111 4.29 -5.65 -6.15
CA ALA A 111 5.45 -5.13 -6.82
C ALA A 111 6.66 -5.08 -5.88
N ALA A 112 6.45 -4.54 -4.68
CA ALA A 112 7.49 -4.49 -3.66
C ALA A 112 8.08 -5.88 -3.39
N GLU A 113 7.20 -6.85 -3.14
CA GLU A 113 7.64 -8.20 -2.87
C GLU A 113 8.49 -8.76 -4.01
N SER A 114 8.06 -8.51 -5.23
CA SER A 114 8.73 -9.07 -6.42
C SER A 114 10.15 -8.56 -6.68
N MSE A 115 10.48 -7.41 -6.07
CA MSE A 115 11.76 -6.72 -6.24
C MSE A 115 12.58 -6.76 -4.94
O MSE A 115 13.49 -5.99 -4.73
CB MSE A 115 11.53 -5.27 -6.69
CG MSE A 115 10.87 -5.23 -8.10
SE MSE A 115 10.71 -3.46 -8.78
CE MSE A 115 9.21 -2.91 -7.78
N GLY A 116 12.27 -7.74 -4.08
CA GLY A 116 13.08 -7.97 -2.91
C GLY A 116 12.87 -6.97 -1.78
N LEU A 117 11.81 -6.18 -1.89
CA LEU A 117 11.46 -5.20 -0.88
C LEU A 117 10.40 -5.75 0.06
N GLY A 118 10.17 -5.01 1.12
CA GLY A 118 9.11 -5.29 2.06
C GLY A 118 8.24 -4.04 2.17
N ALA A 119 6.96 -4.25 2.37
CA ALA A 119 6.04 -3.14 2.56
C ALA A 119 4.89 -3.58 3.46
N VAL A 120 4.12 -2.61 3.96
CA VAL A 120 2.91 -2.93 4.73
C VAL A 120 1.85 -1.84 4.48
N TRP A 121 0.63 -2.31 4.29
CA TRP A 121 -0.54 -1.43 4.22
C TRP A 121 -0.87 -0.99 5.63
N THR A 122 -0.79 0.30 5.90
CA THR A 122 -1.28 0.87 7.15
C THR A 122 -2.49 1.76 6.86
N ALA A 123 -3.60 1.50 7.55
CA ALA A 123 -4.85 2.19 7.24
C ALA A 123 -4.77 3.64 7.57
N ALA A 124 -5.26 4.49 6.65
CA ALA A 124 -5.65 5.87 6.96
C ALA A 124 -7.20 5.80 7.01
N TYR A 125 -7.87 5.90 5.87
CA TYR A 125 -9.26 5.41 5.73
C TYR A 125 -9.37 4.01 6.37
N PRO A 126 -10.46 3.73 7.11
CA PRO A 126 -11.64 4.53 7.34
C PRO A 126 -11.61 5.47 8.58
N TYR A 127 -10.43 5.72 9.10
CA TYR A 127 -10.31 6.46 10.32
C TYR A 127 -10.14 7.92 10.04
N GLU A 128 -11.16 8.73 10.37
CA GLU A 128 -11.11 10.15 9.99
C GLU A 128 -9.93 10.89 10.56
N ASP A 129 -9.55 10.56 11.80
CA ASP A 129 -8.43 11.25 12.40
C ASP A 129 -7.11 10.97 11.66
N ARG A 130 -6.91 9.73 11.25
CA ARG A 130 -5.71 9.33 10.51
C ARG A 130 -5.68 10.03 9.16
N MSE A 131 -6.83 10.12 8.53
CA MSE A 131 -6.91 10.76 7.21
C MSE A 131 -6.52 12.22 7.36
O MSE A 131 -5.83 12.78 6.51
CB MSE A 131 -8.30 10.63 6.65
CG MSE A 131 -8.73 9.16 6.50
SE MSE A 131 -10.59 8.94 6.02
CE MSE A 131 -10.39 9.40 4.21
N GLU A 132 -6.95 12.85 8.45
CA GLU A 132 -6.58 14.25 8.71
C GLU A 132 -5.09 14.44 8.96
N VAL A 133 -4.45 13.53 9.68
CA VAL A 133 -2.98 13.55 9.85
C VAL A 133 -2.31 13.60 8.49
N VAL A 134 -2.67 12.65 7.62
CA VAL A 134 -2.07 12.53 6.32
C VAL A 134 -2.35 13.78 5.51
N ARG A 135 -3.58 14.29 5.57
CA ARG A 135 -3.95 15.51 4.84
C ARG A 135 -3.08 16.68 5.26
N LYS A 136 -2.82 16.79 6.56
CA LYS A 136 -2.06 17.90 7.12
C LYS A 136 -0.63 17.87 6.57
N TYR A 137 0.02 16.72 6.59
CA TYR A 137 1.43 16.63 6.27
C TYR A 137 1.72 16.60 4.78
N THR A 138 0.74 16.17 4.01
CA THR A 138 0.92 16.09 2.54
C THR A 138 0.10 17.13 1.76
N HIS A 139 -0.64 17.99 2.44
CA HIS A 139 -1.35 19.11 1.85
C HIS A 139 -2.41 18.65 0.85
N LEU A 140 -3.14 17.61 1.19
CA LEU A 140 -4.12 17.06 0.28
C LEU A 140 -5.34 17.98 0.15
N PRO A 141 -5.70 18.31 -1.11
CA PRO A 141 -6.99 18.96 -1.28
C PRO A 141 -8.14 18.15 -0.67
N GLU A 142 -9.23 18.83 -0.32
N GLU A 142 -9.24 18.80 -0.28
CA GLU A 142 -10.35 18.25 0.41
CA GLU A 142 -10.26 18.09 0.52
C GLU A 142 -10.93 16.97 -0.25
C GLU A 142 -10.95 16.94 -0.24
N ASN A 143 -10.94 16.97 -1.57
CA ASN A 143 -11.52 15.87 -2.37
C ASN A 143 -10.65 14.63 -2.48
N ILE A 144 -9.37 14.81 -2.19
CA ILE A 144 -8.38 13.74 -2.26
C ILE A 144 -8.28 13.05 -0.91
N LEU A 145 -8.74 11.80 -0.86
CA LEU A 145 -8.87 11.08 0.39
C LEU A 145 -7.80 9.99 0.49
N PRO A 146 -7.10 9.92 1.62
CA PRO A 146 -6.03 8.91 1.72
C PRO A 146 -6.56 7.54 2.15
N LEU A 147 -6.31 6.50 1.34
CA LEU A 147 -6.68 5.16 1.70
C LEU A 147 -5.69 4.58 2.71
N CYS A 148 -4.40 4.64 2.40
CA CYS A 148 -3.42 3.96 3.22
C CYS A 148 -2.06 4.58 3.01
N VAL A 149 -1.21 4.36 4.01
CA VAL A 149 0.16 4.77 4.02
C VAL A 149 0.97 3.48 3.94
N ILE A 150 1.80 3.35 2.91
CA ILE A 150 2.61 2.16 2.73
C ILE A 150 4.11 2.46 2.91
N PRO A 151 4.61 2.30 4.14
CA PRO A 151 6.07 2.31 4.31
C PRO A 151 6.69 1.12 3.56
N PHE A 152 7.91 1.29 3.09
CA PHE A 152 8.60 0.20 2.47
C PHE A 152 10.10 0.36 2.59
N GLY A 153 10.79 -0.74 2.35
CA GLY A 153 12.24 -0.79 2.43
C GLY A 153 12.74 -2.19 2.20
N TYR A 154 14.05 -2.40 2.34
CA TYR A 154 14.58 -3.74 2.36
C TYR A 154 14.23 -4.36 3.72
N PRO A 155 13.66 -5.57 3.76
CA PRO A 155 13.30 -6.15 5.08
C PRO A 155 14.53 -6.27 6.00
N ALA A 156 14.33 -5.99 7.29
CA ALA A 156 15.36 -6.15 8.29
C ALA A 156 15.50 -7.60 8.73
N THR A 157 14.38 -8.34 8.70
CA THR A 157 14.33 -9.73 9.20
C THR A 157 13.40 -10.55 8.31
N LYS A 158 13.91 -11.37 7.41
N LYS A 158 13.97 -11.34 7.40
CA LYS A 158 13.00 -12.06 6.51
CA LYS A 158 13.20 -12.22 6.52
C LYS A 158 12.09 -13.01 7.27
C LYS A 158 12.27 -13.06 7.38
N GLU A 159 10.85 -13.13 6.82
N GLU A 159 11.03 -13.18 6.89
CA GLU A 159 9.87 -13.96 7.52
CA GLU A 159 9.91 -13.90 7.60
C GLU A 159 9.12 -14.79 6.52
C GLU A 159 9.03 -14.71 6.61
N GLN A 160 8.58 -15.90 7.02
CA GLN A 160 7.64 -16.70 6.23
C GLN A 160 6.39 -15.93 5.90
N PRO A 161 5.87 -16.16 4.70
CA PRO A 161 4.52 -15.61 4.46
C PRO A 161 3.48 -16.38 5.27
N LYS A 162 2.32 -15.77 5.45
CA LYS A 162 1.18 -16.42 6.09
C LYS A 162 0.53 -17.36 5.08
N GLN A 163 0.13 -18.54 5.59
CA GLN A 163 -0.58 -19.52 4.79
C GLN A 163 -2.06 -19.42 5.18
N LYS A 164 -2.85 -18.70 4.41
CA LYS A 164 -4.20 -18.39 4.81
C LYS A 164 -5.24 -19.29 4.17
N TYR A 165 -4.83 -20.23 3.33
CA TYR A 165 -5.85 -21.02 2.64
C TYR A 165 -6.77 -21.67 3.67
N ASP A 166 -8.07 -21.55 3.42
CA ASP A 166 -9.10 -22.05 4.33
C ASP A 166 -10.28 -22.53 3.50
N GLU A 167 -10.35 -23.84 3.39
CA GLU A 167 -11.40 -24.48 2.61
C GLU A 167 -12.80 -24.06 3.03
N LYS A 168 -12.96 -23.69 4.30
N LYS A 168 -12.98 -23.67 4.31
CA LYS A 168 -14.26 -23.32 4.85
CA LYS A 168 -14.29 -23.27 4.81
C LYS A 168 -14.80 -22.04 4.22
C LYS A 168 -14.79 -21.96 4.19
N LYS A 169 -13.93 -21.25 3.61
N LYS A 169 -13.89 -21.24 3.53
CA LYS A 169 -14.31 -19.98 2.98
CA LYS A 169 -14.23 -19.97 2.88
C LYS A 169 -14.68 -20.16 1.48
C LYS A 169 -14.74 -20.16 1.46
N ILE A 170 -14.74 -21.41 0.99
CA ILE A 170 -15.18 -21.72 -0.38
C ILE A 170 -16.56 -22.33 -0.32
N HIS A 171 -17.49 -21.76 -1.09
CA HIS A 171 -18.89 -22.17 -1.17
C HIS A 171 -19.19 -22.45 -2.64
N TYR A 172 -19.82 -23.58 -2.92
CA TYR A 172 -20.24 -23.91 -4.29
C TYR A 172 -21.72 -23.62 -4.50
N ASN A 173 -22.01 -22.64 -5.38
CA ASN A 173 -23.33 -22.24 -5.89
C ASN A 173 -24.21 -21.54 -4.88
N GLN A 174 -24.20 -22.01 -3.64
CA GLN A 174 -24.93 -21.36 -2.54
C GLN A 174 -24.13 -21.52 -1.24
N TYR A 175 -24.37 -20.62 -0.29
CA TYR A 175 -23.58 -20.49 0.91
C TYR A 175 -23.46 -21.75 1.80
N1 FMN B . -0.75 -3.28 9.34
C2 FMN B . -0.22 -2.35 10.20
O2 FMN B . 0.89 -2.57 10.71
N3 FMN B . -0.92 -1.19 10.49
C4 FMN B . -2.17 -0.92 9.96
O4 FMN B . -2.77 0.15 10.26
C4A FMN B . -2.70 -1.88 9.10
N5 FMN B . -3.96 -1.70 8.54
C5A FMN B . -4.40 -2.53 7.55
C6 FMN B . -5.61 -2.22 6.89
C7 FMN B . -6.03 -3.04 5.86
C7M FMN B . -7.34 -2.74 5.10
C8 FMN B . -5.30 -4.13 5.46
C8M FMN B . -5.82 -4.97 4.32
C9 FMN B . -4.13 -4.45 6.12
C9A FMN B . -3.67 -3.64 7.18
N10 FMN B . -2.50 -3.95 7.88
C10 FMN B . -2.00 -3.05 8.77
C1' FMN B . -1.71 -5.15 7.52
C2' FMN B . -2.35 -6.41 8.10
O2' FMN B . -2.16 -6.47 9.51
C3' FMN B . -1.83 -7.68 7.40
O3' FMN B . -2.21 -7.68 6.02
C4' FMN B . -2.38 -8.98 8.05
O4' FMN B . -1.83 -9.11 9.37
C5' FMN B . -2.07 -10.24 7.22
O5' FMN B . -0.65 -10.32 7.14
P FMN B . 0.12 -10.35 5.71
O1P FMN B . -0.12 -8.99 5.02
O2P FMN B . 1.57 -10.54 6.19
O3P FMN B . -0.40 -11.49 4.86
O1 UNL C . -3.86 -4.54 11.01
O2 UNL C . -3.89 -2.50 12.32
CL CL D . -2.08 -21.08 2.36
#